data_5JT5
#
_entry.id   5JT5
#
_cell.length_a   90.293
_cell.length_b   65.276
_cell.length_c   70.641
_cell.angle_alpha   90.00
_cell.angle_beta   96.12
_cell.angle_gamma   90.00
#
_symmetry.space_group_name_H-M   'C 1 2 1'
#
loop_
_entity.id
_entity.type
_entity.pdbx_description
1 polymer 'Queuine tRNA-ribosyltransferase'
2 non-polymer 'ZINC ION'
3 non-polymer GLYCEROL
4 non-polymer 'CHLORIDE ION'
5 non-polymer 2-{[2-(morpholin-4-yl)ethyl]amino}-1H-benzimidazole-6-carboxamide
6 non-polymer 1,2-ETHANEDIOL
7 water water
#
_entity_poly.entity_id   1
_entity_poly.type   'polypeptide(L)'
_entity_poly.pdbx_seq_one_letter_code
;MVEATAQETDRPRFSFSIAAREGKARTGTIEMKRGVIRTPAFMPVGTAATVKALKPETVRATGADIILGNTYHLMLRPGA
ERIAKLGGLHSFMGWDRPILTDSGGYQVMSLSSLTKQSEEGVTFKSHLDGSRHMLSPERSIEIQHLLGSDIVMAFDECTP
YPATPSRAASSMERSMRWAKRSRDAFDSRKEQAENAALFGIQQGSVFENLRQQSADALAEIGFDGYAVGGLAVGEGQDEM
FRVLDFSVPMLPDDKPHYLMGVGKPDDIVGAVERGIDMFDCVLPTRSGRNGQAFTWDGPINIRNARFSEDLKPLDSECHC
AVCQKWSRAYIHHLIRAGEILGAMLMTEHNIAFYQQLMQKIRDSISEGRFSQFAQDFRARYFARNS
;
_entity_poly.pdbx_strand_id   A
#
loop_
_chem_comp.id
_chem_comp.type
_chem_comp.name
_chem_comp.formula
6NK non-polymer 2-{[2-(morpholin-4-yl)ethyl]amino}-1H-benzimidazole-6-carboxamide 'C14 H19 N5 O2'
CL non-polymer 'CHLORIDE ION' 'Cl -1'
EDO non-polymer 1,2-ETHANEDIOL 'C2 H6 O2'
GOL non-polymer GLYCEROL 'C3 H8 O3'
ZN non-polymer 'ZINC ION' 'Zn 2'
#
# COMPACT_ATOMS: atom_id res chain seq x y z
N ASP A 10 -19.31 16.66 -10.19
CA ASP A 10 -17.98 16.39 -9.63
C ASP A 10 -18.03 15.24 -8.62
N ARG A 11 -16.91 14.53 -8.51
CA ARG A 11 -16.83 13.36 -7.64
C ARG A 11 -16.98 13.76 -6.17
N PRO A 12 -17.49 12.84 -5.35
CA PRO A 12 -17.57 13.09 -3.90
C PRO A 12 -16.19 13.05 -3.24
N ARG A 13 -16.17 13.53 -1.99
CA ARG A 13 -14.99 13.35 -1.15
C ARG A 13 -14.58 11.88 -1.08
N PHE A 14 -15.55 11.00 -0.85
CA PHE A 14 -15.27 9.58 -0.71
C PHE A 14 -16.54 8.77 -0.91
N SER A 15 -16.49 7.79 -1.81
CA SER A 15 -17.60 6.85 -1.97
CA SER A 15 -17.60 6.84 -1.97
C SER A 15 -17.05 5.51 -2.45
N PHE A 16 -17.18 4.49 -1.61
CA PHE A 16 -16.76 3.13 -1.97
C PHE A 16 -17.99 2.34 -2.36
N SER A 17 -17.96 1.75 -3.55
CA SER A 17 -19.07 0.95 -4.04
CA SER A 17 -19.07 0.95 -4.05
CA SER A 17 -19.07 0.96 -4.07
C SER A 17 -18.54 -0.41 -4.48
N ILE A 18 -19.22 -1.46 -4.04
CA ILE A 18 -18.87 -2.83 -4.38
C ILE A 18 -19.77 -3.26 -5.54
N ALA A 19 -19.14 -3.58 -6.67
CA ALA A 19 -19.86 -3.96 -7.89
C ALA A 19 -20.07 -5.45 -8.01
N ALA A 20 -19.19 -6.27 -7.43
CA ALA A 20 -19.30 -7.71 -7.58
C ALA A 20 -18.54 -8.38 -6.45
N ARG A 21 -18.97 -9.59 -6.11
CA ARG A 21 -18.38 -10.34 -5.02
CA ARG A 21 -18.41 -10.35 -5.01
C ARG A 21 -18.26 -11.81 -5.42
N GLU A 22 -17.29 -12.49 -4.83
CA GLU A 22 -17.14 -13.93 -4.97
C GLU A 22 -16.54 -14.42 -3.66
N GLY A 23 -17.30 -15.17 -2.88
CA GLY A 23 -16.83 -15.52 -1.55
C GLY A 23 -16.58 -14.26 -0.74
N LYS A 24 -15.41 -14.18 -0.11
CA LYS A 24 -15.03 -12.97 0.62
C LYS A 24 -14.45 -11.88 -0.28
N ALA A 25 -14.15 -12.21 -1.54
CA ALA A 25 -13.51 -11.25 -2.44
C ALA A 25 -14.54 -10.26 -2.98
N ARG A 26 -14.10 -9.02 -3.18
CA ARG A 26 -14.94 -7.95 -3.68
C ARG A 26 -14.19 -7.19 -4.76
N THR A 27 -14.95 -6.63 -5.70
CA THR A 27 -14.38 -5.69 -6.65
C THR A 27 -15.31 -4.49 -6.78
N GLY A 28 -14.73 -3.31 -6.94
CA GLY A 28 -15.53 -2.11 -7.00
C GLY A 28 -14.68 -0.87 -7.22
N THR A 29 -15.14 0.27 -6.74
CA THR A 29 -14.45 1.53 -6.96
C THR A 29 -14.53 2.40 -5.70
N ILE A 30 -13.48 3.17 -5.49
CA ILE A 30 -13.51 4.29 -4.56
C ILE A 30 -13.47 5.56 -5.41
N GLU A 31 -14.49 6.40 -5.28
N GLU A 31 -14.51 6.39 -5.29
CA GLU A 31 -14.51 7.69 -5.94
CA GLU A 31 -14.52 7.69 -5.93
C GLU A 31 -14.07 8.77 -4.97
C GLU A 31 -14.03 8.74 -4.95
N MET A 32 -13.08 9.58 -5.38
CA MET A 32 -12.56 10.68 -4.60
C MET A 32 -12.43 11.89 -5.51
N LYS A 33 -12.14 13.05 -4.93
N LYS A 33 -12.19 13.06 -4.92
CA LYS A 33 -12.13 14.27 -5.73
CA LYS A 33 -12.09 14.28 -5.70
C LYS A 33 -11.02 14.30 -6.78
C LYS A 33 -11.09 14.12 -6.84
N ARG A 34 -9.91 13.59 -6.55
CA ARG A 34 -8.83 13.55 -7.53
CA ARG A 34 -8.83 13.55 -7.53
C ARG A 34 -8.90 12.35 -8.47
N GLY A 35 -9.84 11.44 -8.30
CA GLY A 35 -9.95 10.35 -9.25
C GLY A 35 -10.66 9.13 -8.68
N VAL A 36 -10.85 8.15 -9.55
CA VAL A 36 -11.46 6.88 -9.20
C VAL A 36 -10.37 5.83 -9.00
N ILE A 37 -10.52 5.03 -7.95
CA ILE A 37 -9.61 3.95 -7.62
C ILE A 37 -10.35 2.64 -7.84
N ARG A 38 -9.85 1.80 -8.74
CA ARG A 38 -10.44 0.49 -8.97
C ARG A 38 -9.91 -0.50 -7.94
N THR A 39 -10.81 -1.28 -7.34
CA THR A 39 -10.39 -2.22 -6.29
C THR A 39 -10.77 -3.66 -6.67
N PRO A 40 -9.94 -4.64 -6.28
CA PRO A 40 -8.71 -4.50 -5.48
C PRO A 40 -7.64 -3.67 -6.20
N ALA A 41 -6.93 -2.85 -5.43
CA ALA A 41 -5.97 -1.88 -5.93
C ALA A 41 -4.58 -2.18 -5.40
N PHE A 42 -3.57 -1.98 -6.25
CA PHE A 42 -2.18 -1.96 -5.82
C PHE A 42 -1.65 -0.53 -5.94
N MET A 43 -1.04 -0.03 -4.86
CA MET A 43 -0.48 1.30 -4.79
C MET A 43 1.04 1.22 -4.89
N PRO A 44 1.65 1.67 -6.00
CA PRO A 44 3.11 1.83 -6.02
C PRO A 44 3.53 2.80 -4.91
N VAL A 45 4.72 2.55 -4.38
CA VAL A 45 5.22 3.31 -3.24
C VAL A 45 6.11 4.44 -3.75
N GLY A 46 5.79 5.67 -3.35
CA GLY A 46 6.58 6.85 -3.63
C GLY A 46 7.22 7.38 -2.36
N THR A 47 8.37 6.83 -2.00
CA THR A 47 9.00 7.11 -0.72
C THR A 47 9.29 8.60 -0.52
N ALA A 48 10.25 9.13 -1.26
CA ALA A 48 10.68 10.52 -1.09
C ALA A 48 10.14 11.39 -2.22
N ALA A 49 8.81 11.38 -2.36
CA ALA A 49 8.11 12.13 -3.40
C ALA A 49 8.48 11.69 -4.81
N THR A 50 8.78 10.40 -4.98
CA THR A 50 9.01 9.81 -6.30
C THR A 50 8.79 8.31 -6.19
N VAL A 51 8.09 7.74 -7.16
CA VAL A 51 8.10 6.30 -7.36
C VAL A 51 9.42 6.01 -8.06
N LYS A 52 10.32 5.30 -7.38
CA LYS A 52 11.73 5.33 -7.76
C LYS A 52 11.93 4.89 -9.22
N ALA A 53 12.62 5.73 -9.97
CA ALA A 53 13.02 5.49 -11.36
C ALA A 53 11.90 5.66 -12.37
N LEU A 54 10.74 6.22 -11.99
CA LEU A 54 9.62 6.39 -12.91
C LEU A 54 9.08 7.80 -12.88
N LYS A 55 8.87 8.41 -14.05
CA LYS A 55 8.03 9.59 -14.11
C LYS A 55 6.60 9.23 -13.71
N PRO A 56 5.86 10.18 -13.11
CA PRO A 56 4.44 9.92 -12.80
C PRO A 56 3.63 9.48 -14.00
N GLU A 57 3.91 10.02 -15.19
CA GLU A 57 3.15 9.59 -16.36
C GLU A 57 3.38 8.11 -16.64
N THR A 58 4.59 7.61 -16.36
CA THR A 58 4.86 6.18 -16.55
C THR A 58 4.13 5.36 -15.49
N VAL A 59 4.13 5.82 -14.23
CA VAL A 59 3.34 5.16 -13.20
C VAL A 59 1.88 5.04 -13.65
N ARG A 60 1.32 6.13 -14.16
CA ARG A 60 -0.08 6.08 -14.61
C ARG A 60 -0.24 5.13 -15.79
N ALA A 61 0.72 5.13 -16.73
CA ALA A 61 0.63 4.30 -17.93
C ALA A 61 0.59 2.81 -17.57
N THR A 62 1.19 2.43 -16.44
CA THR A 62 1.13 1.03 -16.02
C THR A 62 -0.24 0.63 -15.49
N GLY A 63 -1.10 1.60 -15.19
CA GLY A 63 -2.44 1.32 -14.70
C GLY A 63 -2.71 1.76 -13.27
N ALA A 64 -1.73 2.33 -12.58
CA ALA A 64 -1.96 2.74 -11.20
C ALA A 64 -2.98 3.88 -11.13
N ASP A 65 -3.91 3.76 -10.18
CA ASP A 65 -4.92 4.78 -9.90
C ASP A 65 -4.55 5.66 -8.71
N ILE A 66 -3.61 5.23 -7.88
CA ILE A 66 -3.28 5.88 -6.61
C ILE A 66 -1.89 5.40 -6.25
N ILE A 67 -1.11 6.28 -5.61
CA ILE A 67 0.21 5.92 -5.10
C ILE A 67 0.24 6.20 -3.60
N LEU A 68 1.23 5.60 -2.94
CA LEU A 68 1.46 5.79 -1.52
C LEU A 68 2.63 6.74 -1.32
N GLY A 69 2.49 7.70 -0.41
CA GLY A 69 3.60 8.53 0.05
C GLY A 69 3.92 8.27 1.51
N ASN A 70 5.18 8.52 1.89
CA ASN A 70 5.70 8.19 3.22
C ASN A 70 5.89 9.46 4.06
N THR A 71 5.01 9.66 5.06
CA THR A 71 5.09 10.83 5.94
C THR A 71 6.47 10.95 6.59
N TYR A 72 7.01 9.84 7.10
CA TYR A 72 8.27 9.89 7.84
C TYR A 72 9.40 10.47 6.99
N HIS A 73 9.57 9.93 5.77
CA HIS A 73 10.63 10.45 4.92
C HIS A 73 10.38 11.90 4.53
N LEU A 74 9.13 12.22 4.18
CA LEU A 74 8.83 13.56 3.66
C LEU A 74 8.95 14.63 4.74
N MET A 75 8.64 14.30 5.99
CA MET A 75 8.77 15.29 7.04
C MET A 75 10.22 15.62 7.33
N LEU A 76 11.14 14.71 7.00
CA LEU A 76 12.57 14.94 7.17
C LEU A 76 13.19 15.59 5.95
N ARG A 77 12.76 15.20 4.76
CA ARG A 77 13.31 15.73 3.52
C ARG A 77 12.27 15.54 2.44
N PRO A 78 11.80 16.64 1.83
CA PRO A 78 12.25 18.03 1.99
C PRO A 78 11.59 18.82 3.13
N GLY A 79 10.68 18.21 3.86
CA GLY A 79 9.95 18.88 4.94
C GLY A 79 8.50 19.11 4.56
N ALA A 80 7.60 18.93 5.54
CA ALA A 80 6.17 19.03 5.26
C ALA A 80 5.74 20.48 5.02
N GLU A 81 6.21 21.40 5.86
CA GLU A 81 5.88 22.80 5.67
C GLU A 81 6.41 23.31 4.34
N ARG A 82 7.61 22.88 3.96
CA ARG A 82 8.17 23.28 2.67
C ARG A 82 7.31 22.79 1.52
N ILE A 83 6.90 21.51 1.56
CA ILE A 83 6.04 21.01 0.49
C ILE A 83 4.74 21.80 0.41
N ALA A 84 4.14 22.12 1.57
CA ALA A 84 2.93 22.92 1.57
C ALA A 84 3.17 24.28 0.92
N LYS A 85 4.28 24.93 1.27
N LYS A 85 4.26 24.94 1.29
CA LYS A 85 4.59 26.24 0.70
CA LYS A 85 4.58 26.24 0.68
C LYS A 85 4.80 26.16 -0.81
C LYS A 85 4.71 26.12 -0.83
N LEU A 86 5.25 25.00 -1.31
CA LEU A 86 5.44 24.80 -2.73
C LEU A 86 4.19 24.35 -3.46
N GLY A 87 3.07 24.19 -2.75
CA GLY A 87 1.81 23.86 -3.38
C GLY A 87 1.29 22.48 -3.09
N GLY A 88 1.97 21.70 -2.26
CA GLY A 88 1.51 20.38 -1.91
C GLY A 88 2.22 19.29 -2.70
N LEU A 89 2.09 18.05 -2.21
CA LEU A 89 2.84 16.93 -2.78
C LEU A 89 2.42 16.64 -4.22
N HIS A 90 1.14 16.77 -4.54
CA HIS A 90 0.67 16.46 -5.89
C HIS A 90 1.37 17.34 -6.93
N SER A 91 1.38 18.66 -6.72
N SER A 91 1.35 18.66 -6.71
CA SER A 91 2.04 19.51 -7.70
CA SER A 91 2.00 19.61 -7.59
C SER A 91 3.56 19.47 -7.61
C SER A 91 3.52 19.39 -7.59
N PHE A 92 4.10 19.18 -6.41
CA PHE A 92 5.54 19.06 -6.26
C PHE A 92 6.08 17.92 -7.13
N MET A 93 5.47 16.73 -7.03
CA MET A 93 5.99 15.58 -7.76
C MET A 93 5.31 15.37 -9.12
N GLY A 94 4.22 16.07 -9.40
CA GLY A 94 3.57 15.92 -10.69
C GLY A 94 2.65 14.74 -10.82
N TRP A 95 2.01 14.32 -9.73
CA TRP A 95 0.99 13.27 -9.74
C TRP A 95 -0.31 13.91 -9.27
N ASP A 96 -1.31 13.95 -10.16
CA ASP A 96 -2.54 14.69 -9.87
C ASP A 96 -3.68 13.82 -9.40
N ARG A 97 -3.46 12.52 -9.24
CA ARG A 97 -4.46 11.55 -8.82
C ARG A 97 -4.37 11.32 -7.31
N PRO A 98 -5.20 10.45 -6.73
CA PRO A 98 -5.14 10.26 -5.28
C PRO A 98 -3.78 9.76 -4.81
N ILE A 99 -3.42 10.23 -3.61
CA ILE A 99 -2.26 9.79 -2.85
C ILE A 99 -2.74 9.38 -1.46
N LEU A 100 -2.37 8.17 -1.05
CA LEU A 100 -2.52 7.75 0.35
C LEU A 100 -1.19 7.97 1.05
N THR A 101 -1.22 8.58 2.23
CA THR A 101 0.00 8.77 3.00
C THR A 101 -0.02 7.88 4.24
N ASP A 102 1.09 7.17 4.47
N ASP A 102 1.08 7.16 4.47
CA ASP A 102 1.22 6.50 5.75
CA ASP A 102 1.19 6.48 5.75
C ASP A 102 1.40 7.54 6.85
C ASP A 102 1.45 7.51 6.85
N SER A 103 1.23 7.09 8.10
CA SER A 103 1.21 8.04 9.20
C SER A 103 2.60 8.33 9.76
N GLY A 104 3.57 7.49 9.44
CA GLY A 104 4.88 7.58 10.05
C GLY A 104 5.08 6.65 11.23
N GLY A 105 4.01 6.04 11.76
CA GLY A 105 4.15 5.25 12.97
C GLY A 105 5.01 4.01 12.80
N TYR A 106 4.90 3.34 11.65
CA TYR A 106 5.73 2.18 11.39
C TYR A 106 7.17 2.59 11.08
N GLN A 107 7.32 3.59 10.20
CA GLN A 107 8.65 3.97 9.73
C GLN A 107 9.49 4.59 10.84
N VAL A 108 8.88 5.38 11.72
CA VAL A 108 9.65 6.01 12.79
C VAL A 108 10.31 4.97 13.67
N MET A 109 9.61 3.85 13.92
CA MET A 109 10.20 2.80 14.73
C MET A 109 11.10 1.87 13.94
N SER A 110 11.05 1.92 12.60
CA SER A 110 11.86 1.07 11.76
C SER A 110 13.17 1.72 11.32
N LEU A 111 13.19 3.04 11.14
CA LEU A 111 14.32 3.73 10.54
C LEU A 111 14.98 4.76 11.43
N SER A 112 14.36 5.17 12.53
CA SER A 112 14.92 6.21 13.39
C SER A 112 15.62 5.61 14.60
N THR A 115 14.95 6.75 19.60
CA THR A 115 13.51 6.97 19.72
C THR A 115 13.05 6.87 21.18
N LYS A 116 12.06 7.69 21.53
CA LYS A 116 11.45 7.65 22.86
C LYS A 116 9.94 7.65 22.68
N GLN A 117 9.30 6.55 23.09
CA GLN A 117 7.86 6.39 22.94
C GLN A 117 7.17 6.75 24.25
N SER A 118 6.01 7.39 24.12
CA SER A 118 5.19 7.73 25.26
C SER A 118 3.74 7.81 24.81
N GLU A 119 2.84 8.05 25.76
CA GLU A 119 1.42 8.18 25.42
C GLU A 119 1.18 9.38 24.50
N GLU A 120 2.04 10.40 24.56
CA GLU A 120 1.86 11.56 23.71
C GLU A 120 2.23 11.28 22.25
N GLY A 121 3.22 10.43 22.03
CA GLY A 121 3.72 10.16 20.68
C GLY A 121 5.13 9.59 20.76
N VAL A 122 5.90 9.84 19.70
N VAL A 122 5.90 9.82 19.70
CA VAL A 122 7.26 9.34 19.58
CA VAL A 122 7.27 9.34 19.63
C VAL A 122 8.20 10.51 19.27
C VAL A 122 8.19 10.50 19.28
N THR A 123 9.28 10.64 20.04
CA THR A 123 10.35 11.56 19.71
C THR A 123 11.51 10.76 19.15
N PHE A 124 12.24 11.34 18.19
CA PHE A 124 13.23 10.53 17.49
C PHE A 124 14.30 11.41 16.86
N LYS A 125 15.43 10.79 16.55
CA LYS A 125 16.53 11.43 15.85
C LYS A 125 16.57 10.92 14.42
N SER A 126 16.75 11.82 13.47
CA SER A 126 16.76 11.45 12.06
C SER A 126 17.99 10.63 11.72
N HIS A 127 17.85 9.74 10.76
CA HIS A 127 18.95 8.91 10.30
C HIS A 127 19.45 9.36 8.94
N SER A 131 19.35 15.32 13.98
CA SER A 131 18.28 16.25 14.30
C SER A 131 17.11 15.53 14.98
N ARG A 132 16.62 16.12 16.07
CA ARG A 132 15.52 15.55 16.82
C ARG A 132 14.19 15.99 16.22
N HIS A 133 13.20 15.10 16.28
CA HIS A 133 11.89 15.36 15.71
C HIS A 133 10.81 14.71 16.58
N MET A 134 9.57 15.11 16.34
CA MET A 134 8.44 14.67 17.13
C MET A 134 7.33 14.18 16.21
N LEU A 135 6.64 13.13 16.63
CA LEU A 135 5.49 12.62 15.89
C LEU A 135 4.43 12.18 16.89
N SER A 136 3.30 12.88 16.91
CA SER A 136 2.14 12.52 17.72
C SER A 136 0.99 12.27 16.76
N PRO A 137 -0.14 11.73 17.22
CA PRO A 137 -1.32 11.67 16.33
C PRO A 137 -1.65 13.02 15.71
N GLU A 138 -1.63 14.08 16.50
CA GLU A 138 -1.99 15.40 15.99
C GLU A 138 -1.00 15.89 14.95
N ARG A 139 0.29 15.70 15.20
CA ARG A 139 1.30 16.17 14.27
C ARG A 139 1.31 15.33 13.00
N SER A 140 1.09 14.03 13.12
CA SER A 140 1.01 13.19 11.93
C SER A 140 -0.13 13.62 11.01
N ILE A 141 -1.31 13.85 11.59
CA ILE A 141 -2.44 14.28 10.78
C ILE A 141 -2.16 15.65 10.16
N GLU A 142 -1.52 16.54 10.90
CA GLU A 142 -1.14 17.85 10.36
C GLU A 142 -0.15 17.71 9.19
N ILE A 143 0.87 16.87 9.34
CA ILE A 143 1.82 16.65 8.25
C ILE A 143 1.09 16.16 7.01
N GLN A 144 0.22 15.17 7.20
CA GLN A 144 -0.51 14.64 6.04
C GLN A 144 -1.39 15.71 5.40
N HIS A 145 -1.96 16.61 6.20
CA HIS A 145 -2.67 17.76 5.66
C HIS A 145 -1.74 18.66 4.84
N LEU A 146 -0.58 18.99 5.41
CA LEU A 146 0.37 19.86 4.72
C LEU A 146 0.81 19.25 3.38
N LEU A 147 0.95 17.92 3.34
CA LEU A 147 1.29 17.27 2.08
C LEU A 147 0.13 17.28 1.11
N GLY A 148 -1.10 17.43 1.59
CA GLY A 148 -2.27 17.39 0.73
C GLY A 148 -2.73 15.97 0.41
N SER A 149 -2.50 15.04 1.33
CA SER A 149 -2.92 13.66 1.18
C SER A 149 -4.41 13.54 0.91
N ASP A 150 -4.79 12.58 0.05
CA ASP A 150 -6.19 12.26 -0.17
C ASP A 150 -6.71 11.21 0.81
N ILE A 151 -5.93 10.18 1.09
CA ILE A 151 -6.27 9.20 2.12
C ILE A 151 -5.22 9.31 3.21
N VAL A 152 -5.66 9.74 4.39
CA VAL A 152 -4.85 9.98 5.57
C VAL A 152 -4.95 8.74 6.45
N MET A 153 -3.80 8.26 6.92
CA MET A 153 -3.80 7.13 7.85
C MET A 153 -3.71 7.63 9.29
N ALA A 154 -4.51 7.03 10.17
CA ALA A 154 -4.37 7.30 11.60
C ALA A 154 -2.97 6.92 12.07
N PHE A 155 -2.48 7.65 13.07
CA PHE A 155 -1.16 7.39 13.65
C PHE A 155 -1.28 6.28 14.67
N ASP A 156 -0.49 5.22 14.50
CA ASP A 156 -0.62 4.01 15.31
C ASP A 156 0.77 3.52 15.70
N GLU A 157 0.80 2.29 16.20
CA GLU A 157 2.02 1.59 16.57
C GLU A 157 1.92 0.19 15.97
N CYS A 158 2.90 -0.18 15.14
CA CYS A 158 2.95 -1.52 14.56
C CYS A 158 3.68 -2.44 15.53
N THR A 159 2.93 -3.30 16.20
CA THR A 159 3.48 -4.16 17.22
C THR A 159 4.52 -5.10 16.61
N PRO A 160 5.71 -5.21 17.18
CA PRO A 160 6.70 -6.15 16.65
C PRO A 160 6.20 -7.59 16.75
N TYR A 161 6.76 -8.45 15.88
CA TYR A 161 6.43 -9.87 15.90
C TYR A 161 7.70 -10.68 16.16
N PRO A 162 7.61 -11.69 17.06
CA PRO A 162 6.43 -12.04 17.85
C PRO A 162 6.19 -11.09 19.01
N ALA A 163 4.96 -11.05 19.49
CA ALA A 163 4.59 -10.23 20.63
C ALA A 163 3.87 -11.10 21.65
N THR A 164 4.18 -10.88 22.93
CA THR A 164 3.40 -11.55 23.96
C THR A 164 1.99 -10.98 23.95
N PRO A 165 1.02 -11.76 24.43
CA PRO A 165 -0.35 -11.21 24.54
C PRO A 165 -0.43 -9.91 25.32
N SER A 166 0.33 -9.78 26.42
N SER A 166 0.33 -9.78 26.42
CA SER A 166 0.27 -8.56 27.21
CA SER A 166 0.27 -8.57 27.21
C SER A 166 0.78 -7.36 26.40
C SER A 166 0.79 -7.36 26.44
N ARG A 167 1.91 -7.52 25.73
CA ARG A 167 2.49 -6.40 25.00
C ARG A 167 1.66 -6.07 23.76
N ALA A 168 1.12 -7.10 23.10
CA ALA A 168 0.23 -6.84 21.97
C ALA A 168 -1.02 -6.09 22.43
N ALA A 169 -1.55 -6.44 23.59
CA ALA A 169 -2.72 -5.74 24.11
C ALA A 169 -2.40 -4.28 24.43
N SER A 170 -1.30 -4.04 25.16
CA SER A 170 -0.93 -2.68 25.51
C SER A 170 -0.72 -1.83 24.27
N SER A 171 -0.07 -2.39 23.27
CA SER A 171 0.21 -1.66 22.04
C SER A 171 -1.08 -1.36 21.30
N MET A 172 -1.95 -2.36 21.18
CA MET A 172 -3.22 -2.15 20.49
C MET A 172 -4.07 -1.11 21.22
N GLU A 173 -4.10 -1.16 22.56
CA GLU A 173 -4.92 -0.22 23.33
C GLU A 173 -4.42 1.21 23.11
N ARG A 174 -3.11 1.41 23.14
CA ARG A 174 -2.57 2.73 22.85
C ARG A 174 -2.93 3.15 21.43
N SER A 175 -2.81 2.24 20.45
CA SER A 175 -3.17 2.58 19.08
C SER A 175 -4.64 3.00 18.97
N MET A 176 -5.52 2.39 19.75
CA MET A 176 -6.93 2.78 19.69
C MET A 176 -7.16 4.16 20.30
N ARG A 177 -6.45 4.49 21.39
CA ARG A 177 -6.51 5.85 21.90
C ARG A 177 -5.98 6.83 20.87
N TRP A 178 -4.89 6.47 20.19
CA TRP A 178 -4.34 7.34 19.15
C TRP A 178 -5.26 7.42 17.94
N ALA A 179 -6.06 6.38 17.68
CA ALA A 179 -7.00 6.43 16.57
C ALA A 179 -8.08 7.47 16.83
N LYS A 180 -8.56 7.56 18.07
CA LYS A 180 -9.53 8.60 18.40
C LYS A 180 -8.91 9.98 18.31
N ARG A 181 -7.67 10.14 18.80
CA ARG A 181 -7.01 11.42 18.65
C ARG A 181 -6.81 11.79 17.19
N SER A 182 -6.50 10.80 16.34
CA SER A 182 -6.34 11.05 14.90
C SER A 182 -7.66 11.50 14.28
N ARG A 183 -8.74 10.80 14.61
CA ARG A 183 -10.07 11.17 14.13
C ARG A 183 -10.40 12.62 14.48
N ASP A 184 -10.18 13.00 15.75
CA ASP A 184 -10.54 14.33 16.19
C ASP A 184 -9.66 15.40 15.55
N ALA A 185 -8.37 15.11 15.39
CA ALA A 185 -7.48 16.07 14.73
C ALA A 185 -7.91 16.28 13.28
N PHE A 186 -8.23 15.20 12.58
CA PHE A 186 -8.68 15.29 11.19
C PHE A 186 -9.98 16.08 11.08
N ASP A 187 -10.94 15.79 11.96
CA ASP A 187 -12.25 16.43 11.90
C ASP A 187 -12.18 17.91 12.25
N SER A 188 -11.19 18.31 13.06
N SER A 188 -11.19 18.30 13.05
CA SER A 188 -11.10 19.71 13.46
CA SER A 188 -11.05 19.69 13.50
C SER A 188 -10.66 20.61 12.32
C SER A 188 -10.39 20.59 12.46
N ARG A 189 -10.00 20.04 11.31
CA ARG A 189 -9.41 20.79 10.22
C ARG A 189 -10.38 20.71 9.04
N LYS A 190 -11.17 21.78 8.88
CA LYS A 190 -12.32 21.74 7.97
C LYS A 190 -11.92 21.36 6.55
N GLU A 191 -10.86 21.98 6.03
CA GLU A 191 -10.47 21.70 4.65
C GLU A 191 -10.06 20.24 4.47
N GLN A 192 -9.40 19.67 5.48
CA GLN A 192 -9.02 18.26 5.42
C GLN A 192 -10.25 17.37 5.52
N ALA A 193 -11.12 17.65 6.48
CA ALA A 193 -12.32 16.84 6.67
C ALA A 193 -13.21 16.84 5.44
N GLU A 194 -13.24 17.94 4.70
CA GLU A 194 -14.15 18.04 3.56
C GLU A 194 -13.57 17.46 2.28
N ASN A 195 -12.26 17.31 2.18
CA ASN A 195 -11.64 16.94 0.92
C ASN A 195 -10.85 15.64 0.95
N ALA A 196 -10.50 15.13 2.13
CA ALA A 196 -9.71 13.91 2.27
C ALA A 196 -10.54 12.86 2.99
N ALA A 197 -10.00 11.65 3.06
CA ALA A 197 -10.58 10.55 3.81
C ALA A 197 -9.58 10.10 4.88
N LEU A 198 -10.10 9.43 5.90
CA LEU A 198 -9.28 8.98 7.03
C LEU A 198 -9.51 7.50 7.24
N PHE A 199 -8.43 6.72 7.28
CA PHE A 199 -8.52 5.29 7.54
C PHE A 199 -7.97 4.98 8.94
N GLY A 200 -8.63 4.05 9.64
CA GLY A 200 -8.12 3.55 10.89
C GLY A 200 -7.38 2.24 10.69
N ILE A 201 -6.53 1.89 11.66
CA ILE A 201 -5.65 0.73 11.53
C ILE A 201 -5.92 -0.26 12.66
N GLN A 202 -6.34 -1.46 12.29
CA GLN A 202 -6.54 -2.54 13.25
C GLN A 202 -5.18 -3.11 13.67
N GLN A 203 -5.00 -3.28 14.99
CA GLN A 203 -3.82 -3.94 15.52
C GLN A 203 -4.26 -5.17 16.33
N GLY A 204 -3.37 -5.70 17.16
CA GLY A 204 -3.68 -6.91 17.92
C GLY A 204 -2.80 -8.11 17.61
N SER A 205 -1.74 -7.92 16.83
CA SER A 205 -0.76 -9.00 16.54
C SER A 205 -1.53 -10.18 15.93
N VAL A 206 -1.29 -11.41 16.39
CA VAL A 206 -1.92 -12.59 15.82
C VAL A 206 -3.09 -13.10 16.67
N PHE A 207 -3.57 -12.29 17.60
CA PHE A 207 -4.51 -12.74 18.62
C PHE A 207 -5.94 -12.33 18.26
N GLU A 208 -6.82 -13.33 18.13
CA GLU A 208 -8.18 -13.08 17.66
C GLU A 208 -8.94 -12.13 18.58
N ASN A 209 -8.81 -12.31 19.91
CA ASN A 209 -9.57 -11.46 20.81
C ASN A 209 -9.12 -10.01 20.74
N LEU A 210 -7.81 -9.78 20.58
CA LEU A 210 -7.32 -8.41 20.46
C LEU A 210 -7.71 -7.80 19.13
N ARG A 211 -7.67 -8.58 18.04
CA ARG A 211 -8.14 -8.10 16.75
C ARG A 211 -9.60 -7.69 16.82
N GLN A 212 -10.43 -8.46 17.55
CA GLN A 212 -11.84 -8.12 17.69
C GLN A 212 -12.02 -6.84 18.49
N GLN A 213 -11.32 -6.71 19.62
N GLN A 213 -11.31 -6.71 19.61
CA GLN A 213 -11.38 -5.48 20.39
CA GLN A 213 -11.41 -5.47 20.38
C GLN A 213 -10.97 -4.28 19.56
C GLN A 213 -10.97 -4.27 19.55
N SER A 214 -9.91 -4.44 18.75
CA SER A 214 -9.44 -3.34 17.92
C SER A 214 -10.47 -2.98 16.86
N ALA A 215 -11.03 -3.97 16.16
CA ALA A 215 -12.07 -3.69 15.18
C ALA A 215 -13.26 -2.99 15.81
N ASP A 216 -13.68 -3.43 16.99
CA ASP A 216 -14.81 -2.79 17.65
C ASP A 216 -14.52 -1.34 17.99
N ALA A 217 -13.30 -1.07 18.51
CA ALA A 217 -12.95 0.30 18.85
C ALA A 217 -12.94 1.19 17.61
N LEU A 218 -12.37 0.68 16.51
CA LEU A 218 -12.31 1.49 15.29
C LEU A 218 -13.69 1.75 14.71
N ALA A 219 -14.55 0.74 14.71
CA ALA A 219 -15.90 0.92 14.18
C ALA A 219 -16.71 1.90 15.02
N GLU A 220 -16.47 1.92 16.34
CA GLU A 220 -17.16 2.88 17.20
C GLU A 220 -16.72 4.30 16.89
N ILE A 221 -15.43 4.52 16.66
CA ILE A 221 -14.95 5.83 16.26
C ILE A 221 -15.49 6.19 14.88
N GLY A 222 -15.38 5.26 13.93
CA GLY A 222 -15.86 5.44 12.58
C GLY A 222 -14.80 6.00 11.67
N PHE A 223 -14.50 5.28 10.59
CA PHE A 223 -13.50 5.67 9.60
C PHE A 223 -14.04 5.44 8.20
N ASP A 224 -13.38 6.04 7.21
CA ASP A 224 -13.76 5.85 5.82
C ASP A 224 -13.24 4.52 5.27
N GLY A 225 -12.22 3.94 5.89
CA GLY A 225 -11.68 2.66 5.49
C GLY A 225 -10.89 2.12 6.65
N TYR A 226 -10.55 0.84 6.58
CA TYR A 226 -9.95 0.12 7.70
C TYR A 226 -8.76 -0.67 7.18
N ALA A 227 -7.60 -0.41 7.75
CA ALA A 227 -6.41 -1.17 7.43
C ALA A 227 -6.23 -2.31 8.42
N VAL A 228 -5.67 -3.41 7.92
CA VAL A 228 -5.18 -4.47 8.77
C VAL A 228 -3.69 -4.19 8.97
N GLY A 229 -3.34 -3.67 10.15
CA GLY A 229 -1.96 -3.41 10.45
C GLY A 229 -1.29 -4.57 11.15
N GLY A 230 0.01 -4.44 11.33
CA GLY A 230 0.74 -5.37 12.16
C GLY A 230 1.04 -6.71 11.52
N LEU A 231 0.81 -6.86 10.22
CA LEU A 231 1.14 -8.09 9.52
C LEU A 231 2.29 -7.83 8.55
N ALA A 232 2.76 -8.91 7.92
CA ALA A 232 3.98 -8.84 7.10
C ALA A 232 5.14 -8.22 7.89
N VAL A 233 5.31 -8.70 9.12
CA VAL A 233 6.40 -8.24 9.97
C VAL A 233 7.22 -9.44 10.44
N GLY A 234 7.23 -10.50 9.65
CA GLY A 234 8.02 -11.69 9.95
C GLY A 234 7.24 -12.95 10.25
N GLU A 235 5.91 -12.92 10.22
CA GLU A 235 5.14 -14.08 10.65
C GLU A 235 5.01 -15.16 9.58
N GLY A 236 5.24 -14.85 8.32
CA GLY A 236 5.11 -15.82 7.26
C GLY A 236 3.68 -15.89 6.71
N GLN A 237 3.57 -16.43 5.50
CA GLN A 237 2.28 -16.37 4.79
C GLN A 237 1.21 -17.20 5.47
N ASP A 238 1.55 -18.41 5.94
CA ASP A 238 0.54 -19.26 6.57
C ASP A 238 -0.10 -18.53 7.75
N GLU A 239 0.73 -17.92 8.60
CA GLU A 239 0.22 -17.23 9.78
C GLU A 239 -0.51 -15.95 9.39
N MET A 240 0.02 -15.21 8.41
CA MET A 240 -0.68 -14.01 7.94
C MET A 240 -2.08 -14.36 7.45
N PHE A 241 -2.19 -15.42 6.65
CA PHE A 241 -3.49 -15.83 6.13
C PHE A 241 -4.41 -16.28 7.26
N ARG A 242 -3.87 -17.01 8.24
CA ARG A 242 -4.69 -17.44 9.39
C ARG A 242 -5.25 -16.23 10.13
N VAL A 243 -4.45 -15.19 10.32
CA VAL A 243 -4.94 -14.00 11.00
C VAL A 243 -5.95 -13.25 10.14
N LEU A 244 -5.70 -13.15 8.84
CA LEU A 244 -6.68 -12.51 7.96
C LEU A 244 -8.01 -13.25 7.98
N ASP A 245 -7.97 -14.58 8.06
CA ASP A 245 -9.19 -15.39 8.06
C ASP A 245 -10.20 -14.88 9.07
N PHE A 246 -9.76 -14.60 10.30
CA PHE A 246 -10.67 -14.09 11.32
C PHE A 246 -10.71 -12.57 11.42
N SER A 247 -9.67 -11.87 10.96
CA SER A 247 -9.59 -10.43 11.20
C SER A 247 -10.42 -9.62 10.23
N VAL A 248 -10.36 -9.93 8.93
CA VAL A 248 -11.09 -9.13 7.94
C VAL A 248 -12.60 -9.13 8.18
N PRO A 249 -13.24 -10.26 8.49
CA PRO A 249 -14.69 -10.23 8.75
C PRO A 249 -15.08 -9.33 9.91
N MET A 250 -14.15 -9.00 10.80
CA MET A 250 -14.47 -8.12 11.93
C MET A 250 -14.65 -6.67 11.51
N LEU A 251 -14.12 -6.29 10.35
CA LEU A 251 -14.18 -4.91 9.90
C LEU A 251 -15.51 -4.65 9.19
N PRO A 252 -15.96 -3.40 9.16
CA PRO A 252 -17.19 -3.09 8.42
C PRO A 252 -17.10 -3.54 6.96
N ASP A 253 -18.11 -4.28 6.53
CA ASP A 253 -18.11 -4.84 5.19
C ASP A 253 -18.15 -3.77 4.11
N ASP A 254 -18.83 -2.65 4.38
CA ASP A 254 -19.10 -1.64 3.36
C ASP A 254 -18.01 -0.59 3.20
N LYS A 255 -16.85 -0.79 3.81
N LYS A 255 -16.86 -0.78 3.82
CA LYS A 255 -15.72 0.11 3.70
CA LYS A 255 -15.73 0.13 3.65
C LYS A 255 -14.52 -0.65 3.14
C LYS A 255 -14.51 -0.63 3.17
N PRO A 256 -13.58 0.05 2.50
CA PRO A 256 -12.38 -0.64 2.01
C PRO A 256 -11.55 -1.24 3.13
N HIS A 257 -10.88 -2.34 2.79
CA HIS A 257 -9.99 -3.07 3.69
C HIS A 257 -8.58 -3.03 3.08
N TYR A 258 -7.62 -2.48 3.81
CA TYR A 258 -6.29 -2.18 3.29
C TYR A 258 -5.26 -3.00 4.06
N LEU A 259 -4.55 -3.88 3.37
CA LEU A 259 -3.50 -4.68 4.01
C LEU A 259 -2.16 -3.99 3.77
N MET A 260 -1.62 -3.40 4.83
CA MET A 260 -0.45 -2.54 4.72
C MET A 260 0.81 -3.35 4.50
N GLY A 261 1.59 -2.97 3.49
CA GLY A 261 2.91 -3.55 3.28
C GLY A 261 2.94 -4.90 2.60
N VAL A 262 1.82 -5.34 2.03
CA VAL A 262 1.74 -6.62 1.34
C VAL A 262 1.47 -6.37 -0.14
N GLY A 263 2.17 -7.06 -1.05
CA GLY A 263 3.21 -8.04 -0.78
C GLY A 263 3.57 -8.76 -2.09
N LYS A 264 4.03 -10.00 -1.97
CA LYS A 264 4.33 -10.80 -3.14
C LYS A 264 3.04 -11.12 -3.88
N PRO A 265 3.12 -11.43 -5.19
CA PRO A 265 1.89 -11.71 -5.95
C PRO A 265 0.98 -12.74 -5.30
N ASP A 266 1.51 -13.85 -4.80
N ASP A 266 1.53 -13.84 -4.78
CA ASP A 266 0.65 -14.86 -4.17
CA ASP A 266 0.68 -14.85 -4.17
C ASP A 266 0.06 -14.35 -2.86
C ASP A 266 0.09 -14.38 -2.85
N ASP A 267 0.78 -13.50 -2.14
CA ASP A 267 0.22 -12.89 -0.94
C ASP A 267 -1.00 -12.06 -1.29
N ILE A 268 -0.91 -11.28 -2.37
CA ILE A 268 -2.02 -10.44 -2.80
C ILE A 268 -3.23 -11.30 -3.17
N VAL A 269 -3.01 -12.35 -3.96
CA VAL A 269 -4.13 -13.19 -4.38
C VAL A 269 -4.84 -13.78 -3.18
N GLY A 270 -4.08 -14.34 -2.24
CA GLY A 270 -4.71 -14.95 -1.07
C GLY A 270 -5.36 -13.93 -0.16
N ALA A 271 -4.80 -12.73 -0.08
CA ALA A 271 -5.41 -11.68 0.73
C ALA A 271 -6.74 -11.22 0.12
N VAL A 272 -6.81 -11.13 -1.22
CA VAL A 272 -8.07 -10.80 -1.88
C VAL A 272 -9.12 -11.86 -1.59
N GLU A 273 -8.71 -13.15 -1.63
CA GLU A 273 -9.60 -14.25 -1.28
C GLU A 273 -10.14 -14.11 0.13
N ARG A 274 -9.48 -13.33 0.98
CA ARG A 274 -9.86 -13.14 2.37
C ARG A 274 -10.48 -11.76 2.63
N GLY A 275 -10.77 -11.00 1.57
CA GLY A 275 -11.54 -9.76 1.70
C GLY A 275 -10.75 -8.47 1.67
N ILE A 276 -9.49 -8.49 1.27
CA ILE A 276 -8.69 -7.28 1.19
C ILE A 276 -8.92 -6.57 -0.16
N ASP A 277 -9.01 -5.24 -0.10
CA ASP A 277 -9.27 -4.38 -1.25
C ASP A 277 -8.09 -3.53 -1.70
N MET A 278 -7.07 -3.33 -0.85
CA MET A 278 -5.99 -2.39 -1.17
C MET A 278 -4.67 -2.93 -0.63
N PHE A 279 -3.60 -2.65 -1.36
CA PHE A 279 -2.26 -3.17 -1.10
C PHE A 279 -1.22 -2.12 -1.45
N ASP A 280 -0.08 -2.19 -0.77
CA ASP A 280 1.12 -1.46 -1.16
C ASP A 280 2.32 -2.28 -0.77
N CYS A 281 3.41 -2.12 -1.53
CA CYS A 281 4.63 -2.84 -1.21
CA CYS A 281 4.67 -2.69 -1.08
C CYS A 281 5.78 -2.23 -2.01
N VAL A 282 6.98 -2.22 -1.43
CA VAL A 282 8.17 -1.81 -2.20
C VAL A 282 8.72 -2.93 -3.07
N LEU A 283 8.20 -4.15 -2.95
CA LEU A 283 8.78 -5.29 -3.67
C LEU A 283 8.97 -5.04 -5.16
N PRO A 284 7.95 -4.61 -5.92
CA PRO A 284 8.18 -4.46 -7.37
C PRO A 284 9.23 -3.41 -7.72
N THR A 285 9.27 -2.31 -6.99
CA THR A 285 10.24 -1.26 -7.26
C THR A 285 11.63 -1.64 -6.75
N ARG A 286 11.74 -1.94 -5.45
N ARG A 286 11.75 -1.95 -5.45
CA ARG A 286 13.04 -2.24 -4.84
CA ARG A 286 13.06 -2.22 -4.88
C ARG A 286 13.67 -3.48 -5.46
C ARG A 286 13.68 -3.48 -5.48
N SER A 287 12.91 -4.56 -5.58
CA SER A 287 13.51 -5.78 -6.11
C SER A 287 13.75 -5.69 -7.62
N GLY A 288 12.96 -4.86 -8.31
CA GLY A 288 13.27 -4.57 -9.71
C GLY A 288 14.65 -3.94 -9.88
N ARG A 289 14.96 -2.94 -9.04
CA ARG A 289 16.27 -2.32 -9.13
C ARG A 289 17.38 -3.32 -8.81
N ASN A 290 17.10 -4.33 -8.00
CA ASN A 290 18.05 -5.37 -7.63
C ASN A 290 18.12 -6.51 -8.65
N GLY A 291 17.31 -6.50 -9.69
CA GLY A 291 17.42 -7.51 -10.73
C GLY A 291 16.29 -8.54 -10.76
N GLN A 292 15.33 -8.48 -9.84
CA GLN A 292 14.26 -9.46 -9.83
C GLN A 292 13.10 -8.95 -10.68
N ALA A 293 12.71 -9.73 -11.69
CA ALA A 293 11.57 -9.43 -12.54
C ALA A 293 10.46 -10.44 -12.29
N PHE A 294 9.23 -9.94 -12.15
CA PHE A 294 8.09 -10.83 -11.99
C PHE A 294 7.58 -11.32 -13.34
N THR A 295 7.24 -12.61 -13.41
CA THR A 295 6.65 -13.20 -14.60
C THR A 295 5.53 -14.13 -14.17
N TRP A 296 4.66 -14.48 -15.12
CA TRP A 296 3.57 -15.39 -14.80
C TRP A 296 4.06 -16.78 -14.44
N ASP A 297 5.32 -17.09 -14.75
CA ASP A 297 5.94 -18.35 -14.39
C ASP A 297 6.83 -18.22 -13.15
N GLY A 298 6.64 -17.15 -12.37
CA GLY A 298 7.42 -16.90 -11.18
C GLY A 298 8.49 -15.85 -11.42
N PRO A 299 9.14 -15.38 -10.36
CA PRO A 299 10.19 -14.37 -10.53
C PRO A 299 11.44 -14.95 -11.15
N ILE A 300 12.18 -14.10 -11.86
CA ILE A 300 13.49 -14.44 -12.40
C ILE A 300 14.48 -13.39 -11.93
N ASN A 301 15.76 -13.77 -11.83
CA ASN A 301 16.81 -12.79 -11.56
C ASN A 301 17.55 -12.52 -12.85
N ILE A 302 17.30 -11.34 -13.41
CA ILE A 302 17.81 -11.00 -14.71
C ILE A 302 19.33 -10.95 -14.76
N ARG A 303 20.01 -10.83 -13.61
CA ARG A 303 21.46 -10.83 -13.60
CA ARG A 303 21.46 -10.84 -13.57
C ARG A 303 22.04 -12.21 -13.93
N ASN A 304 21.25 -13.27 -13.80
CA ASN A 304 21.78 -14.60 -14.03
C ASN A 304 22.32 -14.75 -15.45
N ALA A 305 23.47 -15.42 -15.58
CA ALA A 305 24.15 -15.59 -16.86
C ALA A 305 23.26 -16.25 -17.91
N ARG A 306 22.27 -17.04 -17.49
CA ARG A 306 21.39 -17.68 -18.46
C ARG A 306 20.60 -16.69 -19.32
N PHE A 307 20.53 -15.41 -18.91
CA PHE A 307 19.80 -14.41 -19.66
C PHE A 307 20.68 -13.59 -20.59
N SER A 308 21.98 -13.86 -20.64
CA SER A 308 22.90 -12.98 -21.36
C SER A 308 22.62 -12.91 -22.86
N GLU A 309 22.04 -13.97 -23.44
CA GLU A 309 21.73 -13.98 -24.87
C GLU A 309 20.26 -14.30 -25.13
N ASP A 310 19.40 -14.07 -24.14
CA ASP A 310 17.99 -14.40 -24.23
C ASP A 310 17.25 -13.22 -24.87
N LEU A 311 16.77 -13.41 -26.09
CA LEU A 311 16.11 -12.34 -26.82
C LEU A 311 14.64 -12.16 -26.43
N LYS A 312 14.08 -13.04 -25.62
CA LYS A 312 12.69 -12.93 -25.21
C LYS A 312 12.50 -11.72 -24.29
N PRO A 313 11.30 -11.16 -24.23
CA PRO A 313 11.00 -10.14 -23.23
C PRO A 313 10.99 -10.73 -21.82
N LEU A 314 10.99 -9.84 -20.82
CA LEU A 314 10.96 -10.29 -19.43
C LEU A 314 9.88 -11.32 -19.19
N ASP A 315 8.65 -11.04 -19.67
CA ASP A 315 7.55 -11.99 -19.57
C ASP A 315 6.88 -12.11 -20.94
N SER A 316 6.47 -13.34 -21.26
CA SER A 316 6.00 -13.67 -22.60
C SER A 316 4.63 -13.09 -22.93
N GLU A 317 3.81 -12.74 -21.92
CA GLU A 317 2.47 -12.22 -22.14
C GLU A 317 2.32 -10.76 -21.75
N CYS A 318 3.21 -10.24 -20.93
CA CYS A 318 3.08 -8.89 -20.38
C CYS A 318 2.91 -7.86 -21.48
N HIS A 319 1.96 -6.94 -21.27
CA HIS A 319 1.65 -5.90 -22.25
C HIS A 319 2.44 -4.61 -22.06
N CYS A 320 3.39 -4.58 -21.13
CA CYS A 320 4.05 -3.32 -20.83
C CYS A 320 5.00 -2.89 -21.94
N ALA A 321 5.35 -1.59 -21.93
CA ALA A 321 6.21 -1.04 -22.96
C ALA A 321 7.59 -1.67 -22.95
N VAL A 322 8.07 -2.10 -21.78
CA VAL A 322 9.38 -2.72 -21.71
C VAL A 322 9.38 -4.05 -22.46
N CYS A 323 8.34 -4.85 -22.25
CA CYS A 323 8.26 -6.15 -22.91
C CYS A 323 7.93 -6.03 -24.38
N GLN A 324 7.40 -4.89 -24.82
CA GLN A 324 7.20 -4.68 -26.25
C GLN A 324 8.50 -4.36 -26.98
N LYS A 325 9.51 -3.82 -26.28
N LYS A 325 9.50 -3.84 -26.30
CA LYS A 325 10.63 -3.12 -26.90
CA LYS A 325 10.65 -3.34 -27.05
C LYS A 325 12.02 -3.66 -26.61
C LYS A 325 11.96 -4.05 -26.73
N TRP A 326 12.27 -4.30 -25.46
CA TRP A 326 13.61 -4.72 -25.08
C TRP A 326 13.66 -6.18 -24.65
N SER A 327 14.82 -6.78 -24.86
CA SER A 327 15.05 -8.18 -24.52
C SER A 327 15.59 -8.33 -23.10
N ARG A 328 15.41 -9.55 -22.58
CA ARG A 328 16.10 -9.96 -21.37
C ARG A 328 17.60 -9.72 -21.48
N ALA A 329 18.20 -10.02 -22.63
CA ALA A 329 19.64 -9.87 -22.79
C ALA A 329 20.07 -8.42 -22.59
N TYR A 330 19.30 -7.48 -23.12
CA TYR A 330 19.66 -6.07 -22.96
C TYR A 330 19.52 -5.64 -21.51
N ILE A 331 18.43 -6.04 -20.86
CA ILE A 331 18.20 -5.63 -19.48
C ILE A 331 19.22 -6.29 -18.54
N HIS A 332 19.57 -7.55 -18.82
CA HIS A 332 20.67 -8.21 -18.12
C HIS A 332 21.94 -7.39 -18.18
N HIS A 333 22.30 -6.94 -19.39
CA HIS A 333 23.49 -6.11 -19.56
C HIS A 333 23.38 -4.83 -18.74
N LEU A 334 22.23 -4.14 -18.81
CA LEU A 334 22.09 -2.87 -18.10
C LEU A 334 22.23 -3.05 -16.60
N ILE A 335 21.57 -4.07 -16.04
CA ILE A 335 21.62 -4.27 -14.59
C ILE A 335 23.04 -4.66 -14.15
N ARG A 336 23.69 -5.56 -14.91
CA ARG A 336 25.07 -5.92 -14.60
C ARG A 336 26.00 -4.73 -14.66
N ALA A 337 25.74 -3.79 -15.57
CA ALA A 337 26.59 -2.62 -15.72
C ALA A 337 26.25 -1.51 -14.73
N GLY A 338 25.20 -1.68 -13.93
CA GLY A 338 24.80 -0.63 -13.02
C GLY A 338 24.15 0.57 -13.69
N GLU A 339 23.59 0.39 -14.88
CA GLU A 339 23.05 1.52 -15.63
C GLU A 339 21.67 1.92 -15.12
N ILE A 340 21.44 3.23 -15.04
CA ILE A 340 20.16 3.74 -14.59
C ILE A 340 19.00 3.20 -15.43
N LEU A 341 19.20 3.10 -16.75
CA LEU A 341 18.11 2.59 -17.60
C LEU A 341 17.70 1.18 -17.18
N GLY A 342 18.62 0.39 -16.64
CA GLY A 342 18.23 -0.93 -16.15
C GLY A 342 17.20 -0.85 -15.03
N ALA A 343 17.45 0.03 -14.06
CA ALA A 343 16.48 0.26 -12.98
C ALA A 343 15.16 0.76 -13.53
N MET A 344 15.21 1.69 -14.48
CA MET A 344 13.99 2.24 -15.07
C MET A 344 13.14 1.14 -15.71
N LEU A 345 13.79 0.29 -16.53
CA LEU A 345 13.04 -0.72 -17.28
C LEU A 345 12.52 -1.82 -16.37
N MET A 346 13.34 -2.29 -15.43
CA MET A 346 12.90 -3.31 -14.51
C MET A 346 11.72 -2.81 -13.68
N THR A 347 11.79 -1.56 -13.22
CA THR A 347 10.74 -1.03 -12.36
C THR A 347 9.44 -0.85 -13.13
N GLU A 348 9.50 -0.30 -14.35
CA GLU A 348 8.30 -0.15 -15.13
C GLU A 348 7.64 -1.49 -15.39
N HIS A 349 8.43 -2.50 -15.79
CA HIS A 349 7.85 -3.82 -16.00
C HIS A 349 7.21 -4.38 -14.72
N ASN A 350 7.92 -4.30 -13.59
CA ASN A 350 7.38 -4.93 -12.38
C ASN A 350 6.11 -4.24 -11.91
N ILE A 351 6.07 -2.91 -11.98
CA ILE A 351 4.84 -2.20 -11.60
C ILE A 351 3.71 -2.53 -12.57
N ALA A 352 4.02 -2.62 -13.88
CA ALA A 352 3.00 -3.01 -14.85
C ALA A 352 2.51 -4.42 -14.60
N PHE A 353 3.42 -5.33 -14.23
CA PHE A 353 3.02 -6.70 -13.89
C PHE A 353 2.05 -6.70 -12.74
N TYR A 354 2.37 -5.97 -11.66
CA TYR A 354 1.47 -5.88 -10.52
C TYR A 354 0.11 -5.33 -10.93
N GLN A 355 0.09 -4.31 -11.78
CA GLN A 355 -1.20 -3.76 -12.18
C GLN A 355 -1.99 -4.74 -13.05
N GLN A 356 -1.29 -5.49 -13.91
CA GLN A 356 -1.98 -6.52 -14.69
C GLN A 356 -2.53 -7.62 -13.80
N LEU A 357 -1.78 -7.98 -12.75
CA LEU A 357 -2.32 -8.91 -11.77
C LEU A 357 -3.61 -8.36 -11.15
N MET A 358 -3.60 -7.10 -10.72
CA MET A 358 -4.80 -6.52 -10.13
C MET A 358 -5.96 -6.51 -11.12
N GLN A 359 -5.67 -6.21 -12.39
CA GLN A 359 -6.72 -6.20 -13.41
C GLN A 359 -7.32 -7.59 -13.60
N LYS A 360 -6.47 -8.62 -13.64
CA LYS A 360 -6.98 -9.98 -13.76
C LYS A 360 -7.81 -10.37 -12.55
N ILE A 361 -7.39 -9.94 -11.36
CA ILE A 361 -8.17 -10.18 -10.15
C ILE A 361 -9.54 -9.51 -10.26
N ARG A 362 -9.56 -8.21 -10.60
CA ARG A 362 -10.83 -7.49 -10.70
C ARG A 362 -11.74 -8.12 -11.74
N ASP A 363 -11.21 -8.45 -12.93
CA ASP A 363 -12.05 -9.02 -13.97
C ASP A 363 -12.58 -10.38 -13.56
N SER A 364 -11.74 -11.20 -12.92
CA SER A 364 -12.20 -12.53 -12.55
C SER A 364 -13.27 -12.48 -11.47
N ILE A 365 -13.15 -11.57 -10.49
CA ILE A 365 -14.22 -11.42 -9.51
C ILE A 365 -15.50 -10.95 -10.19
N SER A 366 -15.38 -9.94 -11.06
CA SER A 366 -16.54 -9.42 -11.79
CA SER A 366 -16.56 -9.43 -11.73
C SER A 366 -17.25 -10.50 -12.58
N GLU A 367 -16.51 -11.49 -13.06
CA GLU A 367 -17.06 -12.56 -13.88
C GLU A 367 -17.35 -13.83 -13.09
N GLY A 368 -17.18 -13.79 -11.77
CA GLY A 368 -17.48 -14.95 -10.95
C GLY A 368 -16.56 -16.14 -11.17
N ARG A 369 -15.31 -15.90 -11.56
CA ARG A 369 -14.34 -16.96 -11.82
C ARG A 369 -13.01 -16.69 -11.12
N PHE A 370 -13.05 -15.97 -9.99
CA PHE A 370 -11.81 -15.65 -9.28
C PHE A 370 -11.19 -16.88 -8.63
N SER A 371 -12.01 -17.80 -8.11
CA SER A 371 -11.45 -19.01 -7.51
C SER A 371 -10.63 -19.79 -8.53
N GLN A 372 -11.17 -19.93 -9.76
CA GLN A 372 -10.42 -20.59 -10.81
C GLN A 372 -9.17 -19.80 -11.18
N PHE A 373 -9.28 -18.47 -11.23
CA PHE A 373 -8.09 -17.66 -11.52
C PHE A 373 -6.99 -17.90 -10.50
N ALA A 374 -7.36 -17.89 -9.21
CA ALA A 374 -6.36 -18.07 -8.16
C ALA A 374 -5.68 -19.43 -8.29
N GLN A 375 -6.46 -20.47 -8.60
CA GLN A 375 -5.89 -21.80 -8.78
C GLN A 375 -4.97 -21.85 -9.99
N ASP A 376 -5.41 -21.30 -11.12
CA ASP A 376 -4.58 -21.29 -12.32
C ASP A 376 -3.33 -20.46 -12.10
N PHE A 377 -3.47 -19.30 -11.46
CA PHE A 377 -2.33 -18.45 -11.19
C PHE A 377 -1.27 -19.19 -10.38
N ARG A 378 -1.68 -19.84 -9.30
CA ARG A 378 -0.71 -20.52 -8.44
CA ARG A 378 -0.72 -20.53 -8.43
C ARG A 378 -0.07 -21.71 -9.14
N ALA A 379 -0.86 -22.48 -9.90
CA ALA A 379 -0.31 -23.65 -10.58
C ALA A 379 0.82 -23.28 -11.52
N ARG A 380 0.70 -22.14 -12.20
CA ARG A 380 1.72 -21.73 -13.15
C ARG A 380 2.84 -20.94 -12.49
N TYR A 381 2.51 -20.07 -11.54
CA TYR A 381 3.53 -19.24 -10.90
C TYR A 381 4.52 -20.08 -10.10
N PHE A 382 4.05 -21.20 -9.55
CA PHE A 382 4.89 -22.06 -8.72
C PHE A 382 5.25 -23.37 -9.41
N ALA A 383 5.06 -23.46 -10.72
CA ALA A 383 5.35 -24.70 -11.44
C ALA A 383 6.83 -25.08 -11.36
ZN ZN B . 6.57 -6.22 -19.07
C1 GOL C . 0.66 11.52 -14.03
O1 GOL C . 1.55 12.46 -14.59
C2 GOL C . -0.68 12.18 -13.79
O2 GOL C . -0.52 13.21 -12.83
C3 GOL C . -1.64 11.11 -13.29
O3 GOL C . -2.95 11.46 -13.67
C1 GOL D . -1.63 -15.60 -16.80
O1 GOL D . -1.91 -15.58 -18.19
C2 GOL D . -2.80 -16.26 -16.09
O2 GOL D . -3.86 -15.33 -15.97
C3 GOL D . -2.37 -16.72 -14.69
O3 GOL D . -1.36 -17.70 -14.80
C1 GOL E . 11.72 -6.75 -28.01
C1 GOL E . 11.20 -7.07 -28.53
O1 GOL E . 12.78 -7.47 -28.59
O1 GOL E . 12.54 -6.64 -28.38
C2 GOL E . 10.71 -7.71 -27.39
C2 GOL E . 10.79 -7.85 -27.29
O2 GOL E . 10.74 -7.56 -25.99
O2 GOL E . 9.40 -8.06 -27.30
C3 GOL E . 11.10 -9.14 -27.74
C3 GOL E . 11.48 -9.21 -27.32
O3 GOL E . 11.17 -9.26 -29.15
O3 GOL E . 11.16 -9.87 -28.52
CL CL F . 11.17 1.30 -3.64
C1 6NK G . 2.10 -1.27 9.31
C2 6NK G . 2.59 -0.29 8.43
C3 6NK G . 3.44 -0.62 7.40
C4 6NK G . 3.81 -1.96 7.26
N5 6NK G . 3.87 -4.17 7.74
C12 6NK G . 3.32 -2.95 8.11
C13 6NK G . 2.45 -2.61 9.15
O 6NK G . 0.81 -1.80 11.22
C 6NK G . 1.26 -0.91 10.50
N1 6NK G . 1.06 0.39 10.75
C5 6NK G . 4.67 -3.91 6.72
N2 6NK G . 4.66 -2.59 6.38
N3 6NK G . 5.39 -4.85 6.11
C6 6NK G . 6.32 -4.58 5.02
C7 6NK G . 7.55 -5.45 5.09
C1 EDO H . -6.80 18.12 1.34
O1 EDO H . -6.22 17.04 0.58
C2 EDO H . -5.78 18.69 2.31
O2 EDO H . -5.98 18.12 3.62
#